data_6OSX
#
_entry.id   6OSX
#
_cell.length_a   61.219
_cell.length_b   61.219
_cell.length_c   84.534
_cell.angle_alpha   90.000
_cell.angle_beta   90.000
_cell.angle_gamma   120.000
#
_symmetry.space_group_name_H-M   'P 61'
#
loop_
_entity.id
_entity.type
_entity.pdbx_description
1 polymer 'Protein YmbA'
2 non-polymer DI(HYDROXYETHYL)ETHER
3 non-polymer 'ACETATE ION'
4 non-polymer 'SULFATE ION'
5 water water
#
_entity_poly.entity_id   1
_entity_poly.type   'polypeptide(L)'
_entity_poly.pdbx_seq_one_letter_code
;ETKSYYQLPLMAQVGTQSTASQGNRLLWVEQVAVPDYLAGNGVVYQTSDVQYVIANNNLWASPLDQQLRNTLVANLSSQL
PGWVVASQPLGSDQDTLNVTVTGFHGRYDGAVVISGEWLLNHQGQLIKRPFHLELKQQKDGYDEMVKVLAQGWAQESANI
AREISRLP
;
_entity_poly.pdbx_strand_id   A
#
# COMPACT_ATOMS: atom_id res chain seq x y z
N GLU A 1 -8.79 -22.00 14.75
CA GLU A 1 -8.43 -23.06 13.82
C GLU A 1 -8.70 -22.62 12.38
N THR A 2 -9.68 -21.73 12.21
CA THR A 2 -10.06 -21.27 10.89
C THR A 2 -8.94 -20.40 10.29
N LYS A 3 -8.48 -20.78 9.11
CA LYS A 3 -7.47 -20.01 8.40
C LYS A 3 -8.13 -19.12 7.36
N SER A 4 -7.76 -17.85 7.36
CA SER A 4 -8.31 -16.88 6.42
C SER A 4 -7.17 -16.18 5.70
N TYR A 5 -7.41 -15.87 4.43
CA TYR A 5 -6.43 -15.21 3.58
C TYR A 5 -7.02 -13.94 3.01
N TYR A 6 -6.16 -12.97 2.69
CA TYR A 6 -6.60 -11.62 2.38
C TYR A 6 -5.96 -11.11 1.10
N GLN A 7 -6.75 -10.38 0.31
CA GLN A 7 -6.25 -9.75 -0.91
C GLN A 7 -6.79 -8.33 -0.96
N LEU A 8 -5.94 -7.37 -1.30
CA LEU A 8 -6.43 -6.03 -1.58
C LEU A 8 -7.15 -6.05 -2.92
N PRO A 9 -8.37 -5.50 -3.01
CA PRO A 9 -9.12 -5.61 -4.26
C PRO A 9 -8.49 -4.77 -5.36
N LEU A 10 -8.56 -5.28 -6.59
CA LEU A 10 -7.98 -4.60 -7.75
C LEU A 10 -9.06 -3.75 -8.44
N MET A 11 -8.82 -2.44 -8.50
CA MET A 11 -9.75 -1.48 -9.09
C MET A 11 -10.24 -1.89 -10.47
N ASN A 24 0.02 9.61 -24.86
CA ASN A 24 -0.09 9.47 -23.42
C ASN A 24 1.25 9.72 -22.74
N ARG A 25 1.20 9.89 -21.43
CA ARG A 25 2.39 9.87 -20.59
C ARG A 25 2.50 8.48 -19.98
N LEU A 26 3.73 7.98 -19.85
CA LEU A 26 3.99 6.63 -19.37
C LEU A 26 4.55 6.66 -17.96
N LEU A 27 4.03 5.78 -17.10
CA LEU A 27 4.49 5.67 -15.72
C LEU A 27 4.71 4.21 -15.36
N TRP A 28 5.96 3.85 -15.08
CA TRP A 28 6.31 2.51 -14.60
C TRP A 28 6.36 2.53 -13.09
N VAL A 29 5.51 1.72 -12.45
CA VAL A 29 5.54 1.53 -11.00
C VAL A 29 6.49 0.38 -10.70
N GLU A 30 7.63 0.69 -10.09
CA GLU A 30 8.63 -0.32 -9.73
C GLU A 30 8.18 -1.13 -8.51
N GLN A 31 8.97 -2.17 -8.19
CA GLN A 31 8.67 -2.99 -7.01
C GLN A 31 8.55 -2.12 -5.77
N VAL A 32 7.46 -2.32 -5.03
CA VAL A 32 7.24 -1.64 -3.75
C VAL A 32 8.08 -2.33 -2.70
N ALA A 33 8.89 -1.56 -1.97
CA ALA A 33 9.74 -2.11 -0.93
C ALA A 33 8.99 -2.15 0.40
N VAL A 34 9.11 -3.27 1.10
CA VAL A 34 8.53 -3.38 2.44
C VAL A 34 9.54 -3.94 3.42
N PRO A 35 9.52 -3.51 4.68
CA PRO A 35 10.44 -4.08 5.68
C PRO A 35 10.00 -5.48 6.08
N ASP A 36 10.90 -6.17 6.80
CA ASP A 36 10.69 -7.57 7.13
C ASP A 36 9.38 -7.82 7.87
N TYR A 37 9.00 -6.91 8.78
CA TYR A 37 7.82 -7.19 9.61
C TYR A 37 6.54 -7.21 8.81
N LEU A 38 6.52 -6.53 7.66
CA LEU A 38 5.36 -6.53 6.78
C LEU A 38 5.46 -7.55 5.66
N ALA A 39 6.63 -8.18 5.51
CA ALA A 39 6.92 -9.06 4.39
C ALA A 39 6.65 -10.53 4.71
N GLY A 40 6.14 -10.83 5.89
CA GLY A 40 5.79 -12.19 6.24
C GLY A 40 4.44 -12.56 5.67
N ASN A 41 4.00 -13.77 6.02
CA ASN A 41 2.70 -14.22 5.54
C ASN A 41 1.56 -13.53 6.28
N GLY A 42 1.75 -13.26 7.57
CA GLY A 42 0.65 -12.78 8.37
C GLY A 42 0.44 -11.27 8.28
N VAL A 43 -0.83 -10.89 8.38
CA VAL A 43 -1.16 -9.49 8.57
C VAL A 43 -0.65 -9.04 9.93
N VAL A 44 -0.34 -7.77 10.04
CA VAL A 44 0.30 -7.25 11.25
C VAL A 44 -0.71 -6.50 12.10
N TYR A 45 -0.64 -6.73 13.41
CA TYR A 45 -1.45 -6.00 14.37
C TYR A 45 -0.53 -5.43 15.43
N GLN A 46 -0.60 -4.11 15.61
CA GLN A 46 0.22 -3.45 16.63
C GLN A 46 -0.52 -3.55 17.96
N THR A 47 0.03 -4.34 18.88
CA THR A 47 -0.61 -4.65 20.15
C THR A 47 -0.33 -3.63 21.24
N SER A 48 0.64 -2.75 21.06
CA SER A 48 0.98 -1.78 22.11
C SER A 48 1.78 -0.68 21.43
N ASP A 49 2.26 0.27 22.26
N ASP A 49 2.24 0.29 22.22
CA ASP A 49 3.11 1.34 21.77
CA ASP A 49 3.05 1.31 21.57
C ASP A 49 4.44 0.84 21.21
C ASP A 49 4.41 0.79 21.10
N VAL A 50 4.83 -0.39 21.55
CA VAL A 50 6.13 -0.94 21.14
C VAL A 50 6.07 -2.18 20.25
N GLN A 51 4.97 -2.92 20.23
CA GLN A 51 5.00 -4.27 19.68
C GLN A 51 4.06 -4.43 18.49
N TYR A 52 4.54 -5.15 17.48
CA TYR A 52 3.79 -5.50 16.27
C TYR A 52 3.83 -7.02 16.15
N VAL A 53 2.66 -7.65 16.08
N VAL A 53 2.67 -7.66 16.14
CA VAL A 53 2.57 -9.11 16.04
CA VAL A 53 2.60 -9.11 16.04
C VAL A 53 2.06 -9.55 14.67
C VAL A 53 2.14 -9.49 14.64
N ILE A 54 2.69 -10.60 14.13
CA ILE A 54 2.31 -11.16 12.85
C ILE A 54 1.27 -12.24 13.13
N ALA A 55 0.10 -12.10 12.51
CA ALA A 55 -0.96 -13.08 12.71
C ALA A 55 -0.54 -14.46 12.21
N ASN A 56 -1.00 -15.50 12.90
CA ASN A 56 -0.68 -16.86 12.48
C ASN A 56 -1.77 -17.48 11.63
N ASN A 57 -3.01 -17.01 11.73
CA ASN A 57 -4.13 -17.62 11.03
C ASN A 57 -4.84 -16.66 10.10
N ASN A 58 -4.30 -15.45 9.91
CA ASN A 58 -4.89 -14.46 9.03
C ASN A 58 -3.74 -13.92 8.19
N LEU A 59 -3.71 -14.33 6.92
CA LEU A 59 -2.51 -14.27 6.09
C LEU A 59 -2.82 -13.60 4.76
N TRP A 60 -1.83 -12.94 4.19
CA TRP A 60 -1.99 -12.42 2.83
C TRP A 60 -2.06 -13.57 1.82
N ALA A 61 -2.98 -13.47 0.87
CA ALA A 61 -3.14 -14.53 -0.13
C ALA A 61 -1.99 -14.56 -1.13
N SER A 62 -1.29 -13.45 -1.28
CA SER A 62 -0.10 -13.34 -2.10
C SER A 62 0.77 -12.28 -1.45
N PRO A 63 2.05 -12.21 -1.78
CA PRO A 63 2.95 -11.30 -1.05
C PRO A 63 2.42 -9.87 -1.02
N LEU A 64 2.44 -9.27 0.17
CA LEU A 64 1.90 -7.93 0.33
C LEU A 64 2.58 -6.93 -0.60
N ASP A 65 3.91 -7.06 -0.80
CA ASP A 65 4.59 -6.10 -1.68
C ASP A 65 4.03 -6.16 -3.10
N GLN A 66 3.72 -7.36 -3.59
CA GLN A 66 3.11 -7.47 -4.91
C GLN A 66 1.71 -6.89 -4.93
N GLN A 67 0.92 -7.14 -3.88
CA GLN A 67 -0.44 -6.60 -3.82
C GLN A 67 -0.43 -5.09 -3.78
N LEU A 68 0.49 -4.50 -3.01
CA LEU A 68 0.59 -3.05 -2.95
C LEU A 68 0.92 -2.48 -4.33
N ARG A 69 1.86 -3.11 -5.05
CA ARG A 69 2.23 -2.63 -6.36
C ARG A 69 1.07 -2.75 -7.34
N ASN A 70 0.39 -3.90 -7.35
CA ASN A 70 -0.66 -4.13 -8.34
C ASN A 70 -1.85 -3.23 -8.10
N THR A 71 -2.22 -3.01 -6.83
CA THR A 71 -3.34 -2.11 -6.55
C THR A 71 -2.97 -0.65 -6.79
N LEU A 72 -1.72 -0.27 -6.49
CA LEU A 72 -1.27 1.08 -6.82
C LEU A 72 -1.38 1.34 -8.32
N VAL A 73 -0.95 0.38 -9.14
CA VAL A 73 -1.10 0.51 -10.60
C VAL A 73 -2.56 0.67 -10.98
N ALA A 74 -3.43 -0.20 -10.44
CA ALA A 74 -4.84 -0.15 -10.83
C ALA A 74 -5.49 1.15 -10.36
N ASN A 75 -5.19 1.55 -9.12
CA ASN A 75 -5.75 2.79 -8.57
C ASN A 75 -5.27 4.00 -9.37
N LEU A 76 -3.97 4.08 -9.66
CA LEU A 76 -3.45 5.20 -10.44
C LEU A 76 -4.04 5.22 -11.84
N SER A 77 -4.18 4.03 -12.46
CA SER A 77 -4.75 3.97 -13.81
C SER A 77 -6.14 4.58 -13.85
N SER A 78 -6.93 4.37 -12.79
CA SER A 78 -8.30 4.84 -12.80
C SER A 78 -8.42 6.35 -12.60
N GLN A 79 -7.41 6.99 -12.00
CA GLN A 79 -7.50 8.43 -11.81
C GLN A 79 -6.60 9.26 -12.72
N LEU A 80 -5.84 8.62 -13.60
CA LEU A 80 -4.94 9.32 -14.52
C LEU A 80 -5.30 8.91 -15.95
N PRO A 81 -6.42 9.39 -16.48
CA PRO A 81 -6.84 8.96 -17.82
C PRO A 81 -5.87 9.32 -18.92
N GLY A 82 -5.08 10.38 -18.75
CA GLY A 82 -4.08 10.75 -19.73
C GLY A 82 -2.77 10.01 -19.61
N TRP A 83 -2.67 9.03 -18.72
CA TRP A 83 -1.45 8.28 -18.49
C TRP A 83 -1.68 6.80 -18.76
N VAL A 84 -0.60 6.12 -19.15
CA VAL A 84 -0.54 4.66 -19.11
C VAL A 84 0.35 4.29 -17.92
N VAL A 85 -0.22 3.54 -16.98
CA VAL A 85 0.47 3.14 -15.75
C VAL A 85 0.58 1.62 -15.75
N ALA A 86 1.77 1.10 -15.47
CA ALA A 86 1.97 -0.34 -15.49
C ALA A 86 3.01 -0.75 -14.47
N SER A 87 2.94 -2.02 -14.05
CA SER A 87 3.97 -2.64 -13.22
C SER A 87 5.15 -3.19 -14.04
N GLN A 88 5.02 -3.27 -15.35
CA GLN A 88 6.14 -3.66 -16.19
C GLN A 88 6.62 -2.45 -16.99
N PRO A 89 7.91 -2.37 -17.32
CA PRO A 89 8.41 -1.20 -18.04
C PRO A 89 7.65 -0.98 -19.34
N LEU A 90 7.38 0.29 -19.64
CA LEU A 90 6.57 0.72 -20.76
C LEU A 90 7.35 1.34 -21.89
N GLY A 91 8.33 2.19 -21.60
CA GLY A 91 9.04 2.87 -22.66
C GLY A 91 10.27 3.57 -22.13
N SER A 92 11.21 3.82 -23.03
CA SER A 92 12.47 4.41 -22.60
C SER A 92 12.30 5.82 -22.01
N ASP A 93 11.28 6.56 -22.41
CA ASP A 93 11.05 7.90 -21.91
C ASP A 93 10.03 7.95 -20.76
N GLN A 94 9.72 6.82 -20.15
CA GLN A 94 8.71 6.77 -19.11
C GLN A 94 9.18 7.49 -17.86
N ASP A 95 8.20 7.96 -17.07
CA ASP A 95 8.49 8.28 -15.69
C ASP A 95 8.48 7.00 -14.87
N THR A 96 9.11 7.06 -13.69
CA THR A 96 9.09 5.92 -12.77
C THR A 96 8.60 6.34 -11.40
N LEU A 97 7.94 5.40 -10.71
CA LEU A 97 7.48 5.61 -9.36
C LEU A 97 8.02 4.48 -8.50
N ASN A 98 8.77 4.84 -7.44
CA ASN A 98 9.30 3.89 -6.48
C ASN A 98 8.69 4.20 -5.12
N VAL A 99 8.13 3.18 -4.47
CA VAL A 99 7.45 3.34 -3.19
C VAL A 99 8.08 2.42 -2.16
N THR A 100 8.25 2.95 -0.96
CA THR A 100 8.54 2.13 0.22
C THR A 100 7.35 2.26 1.17
N VAL A 101 6.85 1.14 1.66
CA VAL A 101 5.75 1.15 2.61
C VAL A 101 6.31 0.65 3.93
N THR A 102 6.35 1.54 4.93
CA THR A 102 6.90 1.21 6.24
C THR A 102 5.84 0.91 7.28
N GLY A 103 4.57 1.18 7.01
CA GLY A 103 3.47 0.88 7.91
C GLY A 103 2.28 0.42 7.10
N PHE A 104 1.65 -0.69 7.50
CA PHE A 104 0.46 -1.20 6.82
C PHE A 104 -0.18 -2.21 7.75
N HIS A 105 -0.81 -1.72 8.81
CA HIS A 105 -1.17 -2.62 9.90
C HIS A 105 -2.35 -2.06 10.68
N GLY A 106 -3.01 -2.95 11.43
CA GLY A 106 -3.97 -2.53 12.41
C GLY A 106 -3.30 -2.19 13.73
N ARG A 107 -4.08 -1.60 14.63
CA ARG A 107 -3.57 -1.18 15.93
C ARG A 107 -4.64 -1.42 16.97
N TYR A 108 -4.18 -1.64 18.21
CA TYR A 108 -5.01 -2.15 19.31
C TYR A 108 -6.22 -1.27 19.59
N ASP A 109 -6.21 -0.02 19.16
CA ASP A 109 -7.31 0.90 19.42
C ASP A 109 -8.29 0.98 18.27
N GLY A 110 -8.18 0.11 17.27
CA GLY A 110 -9.07 0.16 16.13
C GLY A 110 -8.59 1.02 14.99
N ALA A 111 -7.44 1.66 15.12
CA ALA A 111 -6.91 2.42 14.02
C ALA A 111 -6.21 1.50 13.02
N VAL A 112 -5.94 2.08 11.84
N VAL A 112 -6.14 1.95 11.78
CA VAL A 112 -5.32 1.38 10.72
CA VAL A 112 -5.23 1.32 10.84
C VAL A 112 -4.30 2.34 10.11
C VAL A 112 -4.24 2.37 10.40
N VAL A 113 -3.03 1.93 10.08
CA VAL A 113 -1.91 2.82 9.81
C VAL A 113 -1.27 2.47 8.48
N ILE A 114 -1.06 3.48 7.65
CA ILE A 114 -0.38 3.33 6.37
C ILE A 114 0.71 4.40 6.31
N SER A 115 1.95 3.99 6.09
CA SER A 115 3.00 4.99 6.07
C SER A 115 4.09 4.56 5.12
N GLY A 116 4.87 5.54 4.64
CA GLY A 116 5.97 5.22 3.75
C GLY A 116 6.46 6.46 3.06
N GLU A 117 7.10 6.26 1.91
N GLU A 117 7.05 6.26 1.88
CA GLU A 117 7.52 7.36 1.09
CA GLU A 117 7.61 7.35 1.09
C GLU A 117 7.48 6.92 -0.37
C GLU A 117 7.62 6.94 -0.37
N TRP A 118 7.33 7.89 -1.25
CA TRP A 118 7.34 7.62 -2.69
C TRP A 118 8.28 8.58 -3.40
N LEU A 119 8.78 8.13 -4.54
CA LEU A 119 9.77 8.87 -5.33
C LEU A 119 9.36 8.78 -6.80
N LEU A 120 9.01 9.91 -7.39
CA LEU A 120 8.71 10.03 -8.81
C LEU A 120 9.95 10.57 -9.52
N ASN A 121 10.31 9.93 -10.63
CA ASN A 121 11.49 10.29 -11.41
C ASN A 121 11.06 10.58 -12.84
N HIS A 122 11.27 11.81 -13.29
CA HIS A 122 11.05 12.20 -14.69
C HIS A 122 12.39 12.65 -15.26
N GLN A 123 13.04 11.75 -16.01
CA GLN A 123 14.31 12.06 -16.67
C GLN A 123 15.31 12.69 -15.70
N GLY A 124 15.32 12.18 -14.47
CA GLY A 124 16.25 12.61 -13.47
C GLY A 124 15.71 13.67 -12.53
N GLN A 125 14.61 14.33 -12.89
CA GLN A 125 13.98 15.27 -11.97
C GLN A 125 13.12 14.49 -10.98
N LEU A 126 13.20 14.88 -9.71
CA LEU A 126 12.64 14.04 -8.65
C LEU A 126 11.60 14.79 -7.85
N ILE A 127 10.59 14.05 -7.41
CA ILE A 127 9.68 14.47 -6.34
C ILE A 127 9.66 13.32 -5.34
N LYS A 128 10.05 13.59 -4.10
CA LYS A 128 10.11 12.57 -3.06
C LYS A 128 9.26 13.03 -1.89
N ARG A 129 8.26 12.22 -1.50
CA ARG A 129 7.29 12.63 -0.48
C ARG A 129 7.02 11.53 0.53
N PRO A 130 7.01 11.84 1.81
CA PRO A 130 6.55 10.87 2.80
C PRO A 130 5.03 10.89 2.87
N PHE A 131 4.47 9.79 3.35
CA PHE A 131 3.04 9.72 3.61
C PHE A 131 2.79 8.99 4.91
N HIS A 132 1.72 9.40 5.59
CA HIS A 132 1.26 8.74 6.80
C HIS A 132 -0.24 8.98 6.89
N LEU A 133 -1.00 7.89 6.90
CA LEU A 133 -2.45 7.96 7.00
C LEU A 133 -2.89 7.09 8.18
N GLU A 134 -3.91 7.55 8.88
CA GLU A 134 -4.51 6.76 9.95
C GLU A 134 -6.03 6.83 9.78
N LEU A 135 -6.67 5.67 9.76
CA LEU A 135 -8.11 5.55 9.59
C LEU A 135 -8.65 4.72 10.74
N LYS A 136 -9.91 4.94 11.08
CA LYS A 136 -10.54 4.18 12.14
C LYS A 136 -11.32 3.02 11.53
N GLN A 137 -11.14 1.84 12.10
CA GLN A 137 -11.98 0.70 11.80
C GLN A 137 -13.29 0.84 12.58
N GLN A 138 -14.43 0.71 11.90
CA GLN A 138 -15.71 0.86 12.58
C GLN A 138 -16.23 -0.44 13.17
N LYS A 139 -16.08 -1.56 12.47
CA LYS A 139 -16.42 -2.88 12.98
C LYS A 139 -15.15 -3.66 13.29
N ASP A 140 -15.26 -4.65 14.17
N ASP A 140 -15.28 -4.65 14.16
CA ASP A 140 -14.11 -5.41 14.63
CA ASP A 140 -14.12 -5.43 14.61
C ASP A 140 -13.76 -6.52 13.63
C ASP A 140 -13.72 -6.45 13.56
N GLY A 141 -12.52 -7.01 13.74
CA GLY A 141 -12.09 -8.17 12.99
C GLY A 141 -11.06 -7.84 11.92
N TYR A 142 -10.38 -8.90 11.46
CA TYR A 142 -9.35 -8.74 10.43
C TYR A 142 -9.95 -8.38 9.08
N ASP A 143 -11.15 -8.88 8.76
CA ASP A 143 -11.76 -8.50 7.50
C ASP A 143 -11.90 -6.99 7.39
N GLU A 144 -12.45 -6.36 8.44
CA GLU A 144 -12.60 -4.90 8.44
C GLU A 144 -11.26 -4.19 8.46
N MET A 145 -10.28 -4.72 9.20
CA MET A 145 -8.95 -4.14 9.18
C MET A 145 -8.40 -4.05 7.76
N VAL A 146 -8.51 -5.15 7.01
CA VAL A 146 -7.98 -5.18 5.65
C VAL A 146 -8.80 -4.30 4.72
N LYS A 147 -10.13 -4.30 4.89
CA LYS A 147 -10.97 -3.40 4.11
C LYS A 147 -10.53 -1.95 4.28
N VAL A 148 -10.26 -1.54 5.53
CA VAL A 148 -9.88 -0.15 5.78
C VAL A 148 -8.45 0.13 5.30
N LEU A 149 -7.54 -0.85 5.42
CA LEU A 149 -6.22 -0.69 4.82
C LEU A 149 -6.33 -0.47 3.31
N ALA A 150 -7.20 -1.23 2.63
CA ALA A 150 -7.37 -1.04 1.19
C ALA A 150 -7.92 0.35 0.89
N GLN A 151 -8.88 0.83 1.69
CA GLN A 151 -9.40 2.18 1.52
C GLN A 151 -8.30 3.22 1.70
N GLY A 152 -7.47 3.07 2.73
CA GLY A 152 -6.38 4.01 2.94
C GLY A 152 -5.35 3.95 1.83
N TRP A 153 -5.05 2.75 1.33
CA TRP A 153 -4.12 2.64 0.21
C TRP A 153 -4.68 3.31 -1.04
N ALA A 154 -6.00 3.21 -1.25
CA ALA A 154 -6.62 3.92 -2.35
C ALA A 154 -6.52 5.44 -2.14
N GLN A 155 -6.67 5.89 -0.89
CA GLN A 155 -6.52 7.32 -0.60
C GLN A 155 -5.10 7.78 -0.92
N GLU A 156 -4.09 7.00 -0.53
CA GLU A 156 -2.73 7.39 -0.84
C GLU A 156 -2.49 7.43 -2.35
N SER A 157 -3.07 6.47 -3.08
CA SER A 157 -2.99 6.51 -4.54
C SER A 157 -3.60 7.78 -5.08
N ALA A 158 -4.71 8.24 -4.50
CA ALA A 158 -5.31 9.50 -4.93
C ALA A 158 -4.39 10.69 -4.65
N ASN A 159 -3.70 10.67 -3.50
CA ASN A 159 -2.72 11.71 -3.19
C ASN A 159 -1.63 11.76 -4.25
N ILE A 160 -1.07 10.60 -4.59
CA ILE A 160 -0.01 10.55 -5.60
C ILE A 160 -0.53 11.03 -6.94
N ALA A 161 -1.73 10.58 -7.34
CA ALA A 161 -2.29 11.02 -8.62
C ALA A 161 -2.49 12.52 -8.66
N ARG A 162 -2.96 13.12 -7.55
CA ARG A 162 -3.15 14.56 -7.52
C ARG A 162 -1.83 15.29 -7.77
N GLU A 163 -0.73 14.77 -7.21
CA GLU A 163 0.57 15.35 -7.47
C GLU A 163 0.99 15.14 -8.92
N ILE A 164 0.89 13.90 -9.40
CA ILE A 164 1.30 13.56 -10.76
C ILE A 164 0.54 14.39 -11.78
N SER A 165 -0.73 14.67 -11.53
CA SER A 165 -1.48 15.60 -12.36
C SER A 165 -0.93 17.00 -12.21
#